data_5FHY
#
_entry.id   5FHY
#
_cell.length_a   124.741
_cell.length_b   124.741
_cell.length_c   107.010
_cell.angle_alpha   90.00
_cell.angle_beta   90.00
_cell.angle_gamma   120.00
#
_symmetry.space_group_name_H-M   'P 6'
#
loop_
_entity.id
_entity.type
_entity.pdbx_description
1 polymer 'B-type flagellar hook-associated protein 2'
2 non-polymer 'SODIUM ION'
3 water water
#
_entity_poly.entity_id   1
_entity_poly.type   'polypeptide(L)'
_entity_poly.pdbx_seq_one_letter_code
;MGHHHHHHGGSENLYFQGNEDILKASATQSAVAGTYQIQVNSLATSSKIALQAIADPANAKFNSGTLNISVGDTKLPAIT
VDSSNNTLAGMRDAINQAGKEAGVSATIITDNSGSRLVLSSTKTGDGKDIKVEVSDDGSGGNTSLSQLAFDPATAPKLSD
GAAAGYVTKAANGEITVDGLKRSIASNSVSDVIDGVSFDVKAVTEAGKPITLTVSRDDAGVKDNVKKFVEAYNTLTKFIN
EQTVVTKVGEDKNPVTGALLGDASVRALVNTMRSELIASNENGSVRNLAALGITTTKDGTLEIDEKKLDKAISADFEGVA
SYFTGDTGLAKRLGDKMKPYTDAQGI
;
_entity_poly.pdbx_strand_id   A,B
#
# COMPACT_ATOMS: atom_id res chain seq x y z
N ASP A 21 -12.50 -18.11 27.48
CA ASP A 21 -12.62 -19.06 26.38
C ASP A 21 -11.79 -18.63 25.16
N ILE A 22 -12.46 -18.20 24.09
CA ILE A 22 -11.77 -17.91 22.84
C ILE A 22 -11.53 -16.41 22.66
N LEU A 23 -12.21 -15.61 23.48
CA LEU A 23 -12.11 -14.16 23.36
C LEU A 23 -11.36 -13.54 24.53
N LYS A 24 -11.50 -14.14 25.71
CA LYS A 24 -10.94 -13.56 26.93
C LYS A 24 -10.88 -14.56 28.07
N ALA A 25 -9.72 -14.63 28.74
CA ALA A 25 -9.57 -15.48 29.91
C ALA A 25 -9.28 -14.57 31.09
N SER A 26 -9.96 -14.78 32.21
CA SER A 26 -9.89 -13.84 33.32
C SER A 26 -9.57 -14.49 34.65
N ALA A 27 -9.20 -13.66 35.62
CA ALA A 27 -8.79 -14.12 36.95
C ALA A 27 -9.14 -13.06 38.00
N THR A 28 -9.08 -13.42 39.28
CA THR A 28 -9.48 -12.47 40.33
C THR A 28 -8.54 -12.42 41.54
N GLN A 29 -8.47 -11.25 42.15
CA GLN A 29 -7.73 -11.00 43.38
C GLN A 29 -8.64 -11.07 44.61
N SER A 30 -8.99 -9.89 45.10
CA SER A 30 -10.08 -9.75 46.06
C SER A 30 -10.89 -8.54 45.63
N ALA A 31 -12.08 -8.83 45.14
CA ALA A 31 -12.90 -7.88 44.41
C ALA A 31 -14.32 -8.01 44.94
N VAL A 32 -15.31 -7.81 44.07
CA VAL A 32 -16.69 -8.01 44.49
C VAL A 32 -17.39 -8.89 43.47
N ALA A 33 -18.52 -9.46 43.87
CA ALA A 33 -19.30 -10.27 42.96
C ALA A 33 -19.96 -9.35 41.95
N GLY A 34 -20.31 -9.87 40.79
CA GLY A 34 -20.95 -9.04 39.78
C GLY A 34 -20.92 -9.61 38.38
N THR A 35 -21.72 -8.99 37.51
CA THR A 35 -21.80 -9.42 36.11
C THR A 35 -21.54 -8.21 35.22
N TYR A 36 -20.86 -8.43 34.11
CA TYR A 36 -20.44 -7.33 33.25
C TYR A 36 -20.61 -7.69 31.78
N GLN A 37 -21.11 -6.74 30.99
CA GLN A 37 -21.16 -6.93 29.56
C GLN A 37 -19.90 -6.32 28.96
N ILE A 38 -19.15 -7.15 28.25
CA ILE A 38 -17.84 -6.75 27.77
C ILE A 38 -17.71 -6.91 26.27
N GLN A 39 -17.21 -5.88 25.61
CA GLN A 39 -16.87 -5.97 24.20
C GLN A 39 -15.37 -5.80 24.00
N VAL A 40 -14.83 -6.45 22.97
CA VAL A 40 -13.47 -6.22 22.55
C VAL A 40 -13.52 -5.65 21.14
N ASN A 41 -13.20 -4.37 21.01
CA ASN A 41 -13.30 -3.71 19.71
C ASN A 41 -12.00 -3.83 18.92
N SER A 42 -10.88 -3.92 19.62
CA SER A 42 -9.58 -4.12 18.97
C SER A 42 -8.55 -4.65 19.95
N LEU A 43 -7.47 -5.22 19.42
CA LEU A 43 -6.39 -5.74 20.25
C LEU A 43 -5.23 -4.77 20.27
N ALA A 44 -4.43 -4.80 21.34
CA ALA A 44 -3.21 -4.00 21.34
C ALA A 44 -2.22 -4.67 20.41
N THR A 45 -1.53 -3.87 19.60
CA THR A 45 -0.57 -4.42 18.66
C THR A 45 0.83 -3.86 18.89
N SER A 46 1.82 -4.60 18.41
CA SER A 46 3.22 -4.18 18.53
C SER A 46 3.76 -3.80 17.16
N SER A 47 4.99 -3.29 17.12
CA SER A 47 5.55 -2.83 15.85
C SER A 47 6.33 -3.91 15.11
N LYS A 48 6.19 -3.91 13.79
CA LYS A 48 6.94 -4.82 12.92
C LYS A 48 7.14 -4.13 11.58
N ILE A 49 8.38 -3.88 11.19
CA ILE A 49 8.64 -3.14 9.99
C ILE A 49 9.56 -3.87 9.02
N ALA A 50 9.57 -3.39 7.78
CA ALA A 50 10.41 -3.96 6.73
C ALA A 50 11.15 -2.84 6.03
N LEU A 51 12.48 -2.95 5.95
CA LEU A 51 13.28 -1.91 5.35
C LEU A 51 13.34 -2.07 3.83
N GLN A 52 14.02 -1.15 3.14
CA GLN A 52 14.14 -1.21 1.69
C GLN A 52 14.86 -2.49 1.26
N ALA A 53 14.50 -3.02 0.10
CA ALA A 53 15.13 -4.24 -0.39
C ALA A 53 16.49 -3.95 -1.01
N ILE A 54 17.44 -4.81 -0.70
CA ILE A 54 18.79 -4.67 -1.22
C ILE A 54 18.99 -5.61 -2.41
N ALA A 55 19.26 -5.05 -3.58
CA ALA A 55 19.53 -5.86 -4.76
C ALA A 55 20.90 -6.52 -4.66
N ASP A 56 20.97 -7.79 -5.07
CA ASP A 56 22.20 -8.59 -5.00
C ASP A 56 22.81 -8.57 -3.59
N PRO A 57 22.10 -9.15 -2.61
CA PRO A 57 22.52 -9.13 -1.21
C PRO A 57 23.79 -9.91 -0.93
N ALA A 58 24.20 -10.77 -1.87
CA ALA A 58 25.35 -11.63 -1.65
C ALA A 58 26.65 -10.88 -1.88
N ASN A 59 26.54 -9.74 -2.56
CA ASN A 59 27.70 -8.92 -2.86
C ASN A 59 27.54 -7.47 -2.44
N ALA A 60 26.46 -7.18 -1.71
CA ALA A 60 26.18 -5.81 -1.32
C ALA A 60 26.91 -5.48 -0.03
N LYS A 61 27.56 -4.32 0.00
CA LYS A 61 28.28 -3.90 1.19
C LYS A 61 27.85 -2.49 1.54
N PHE A 62 27.49 -2.29 2.81
CA PHE A 62 26.95 -0.99 3.23
C PHE A 62 28.08 -0.03 3.50
N ASN A 63 27.87 1.25 3.20
CA ASN A 63 28.82 2.26 3.62
C ASN A 63 28.99 2.23 5.12
N SER A 64 30.10 2.77 5.61
CA SER A 64 30.32 2.81 7.05
C SER A 64 29.40 3.90 7.62
N GLY A 65 29.11 3.82 8.92
CA GLY A 65 28.29 4.84 9.54
C GLY A 65 27.69 4.39 10.86
N THR A 66 26.52 4.92 11.19
CA THR A 66 25.86 4.59 12.45
C THR A 66 24.36 4.37 12.25
N LEU A 67 23.83 3.35 12.92
CA LEU A 67 22.40 3.08 12.93
C LEU A 67 21.83 3.39 14.29
N ASN A 68 20.88 4.32 14.34
CA ASN A 68 20.20 4.61 15.59
C ASN A 68 18.75 4.18 15.50
N ILE A 69 18.44 3.12 16.23
CA ILE A 69 17.12 2.50 16.18
C ILE A 69 16.41 2.75 17.51
N SER A 70 15.16 3.19 17.44
CA SER A 70 14.40 3.44 18.66
C SER A 70 12.98 2.92 18.52
N VAL A 71 12.34 2.67 19.66
CA VAL A 71 10.93 2.30 19.71
C VAL A 71 10.25 3.22 20.73
N GLY A 72 9.67 4.29 20.21
CA GLY A 72 9.05 5.31 21.04
C GLY A 72 10.09 6.10 21.80
N ASP A 73 9.86 6.27 23.10
CA ASP A 73 10.86 6.82 24.02
C ASP A 73 12.18 6.05 23.94
N THR A 74 12.12 4.75 24.16
CA THR A 74 13.29 3.92 24.37
C THR A 74 14.22 3.92 23.16
N LYS A 75 15.51 4.06 23.42
CA LYS A 75 16.52 4.00 22.37
C LYS A 75 17.36 2.72 22.49
N LEU A 76 17.78 2.20 21.35
CA LEU A 76 18.71 1.08 21.32
C LEU A 76 20.12 1.65 21.35
N PRO A 77 21.10 0.86 21.79
CA PRO A 77 22.50 1.25 21.61
C PRO A 77 22.77 1.62 20.15
N ALA A 78 23.51 2.70 19.92
CA ALA A 78 23.89 3.07 18.56
C ALA A 78 24.72 1.96 17.94
N ILE A 79 24.36 1.54 16.73
CA ILE A 79 25.11 0.51 16.03
C ILE A 79 26.11 1.17 15.09
N THR A 80 27.39 0.89 15.29
CA THR A 80 28.44 1.41 14.43
C THR A 80 28.71 0.42 13.30
N VAL A 81 28.59 0.90 12.06
CA VAL A 81 28.78 0.04 10.90
C VAL A 81 30.18 0.17 10.30
N ASP A 82 30.91 -0.95 10.27
CA ASP A 82 32.22 -0.99 9.66
C ASP A 82 32.34 -2.24 8.78
N SER A 83 33.55 -2.65 8.46
CA SER A 83 33.75 -3.79 7.56
C SER A 83 33.65 -5.13 8.28
N SER A 84 33.28 -5.10 9.55
CA SER A 84 33.03 -6.33 10.29
C SER A 84 31.55 -6.69 10.27
N ASN A 85 30.71 -5.77 9.79
CA ASN A 85 29.27 -5.99 9.84
C ASN A 85 28.45 -5.33 8.74
N ASN A 86 29.09 -4.75 7.73
CA ASN A 86 28.34 -4.01 6.73
C ASN A 86 27.71 -4.92 5.65
N THR A 87 27.10 -6.01 6.10
CA THR A 87 26.25 -6.84 5.26
C THR A 87 24.88 -6.99 5.92
N LEU A 88 23.91 -7.56 5.21
CA LEU A 88 22.58 -7.79 5.75
C LEU A 88 22.62 -8.73 6.95
N ALA A 89 23.34 -9.84 6.81
CA ALA A 89 23.46 -10.80 7.92
C ALA A 89 24.25 -10.16 9.06
N GLY A 90 25.10 -9.20 8.72
CA GLY A 90 25.90 -8.49 9.70
C GLY A 90 25.05 -7.52 10.52
N MET A 91 24.13 -6.85 9.86
CA MET A 91 23.21 -5.97 10.55
C MET A 91 22.19 -6.76 11.34
N ARG A 92 21.74 -7.88 10.78
CA ARG A 92 20.82 -8.79 11.47
C ARG A 92 21.43 -9.20 12.81
N ASP A 93 22.70 -9.60 12.77
CA ASP A 93 23.40 -10.03 13.97
C ASP A 93 23.54 -8.86 14.94
N ALA A 94 23.80 -7.67 14.40
CA ALA A 94 24.01 -6.48 15.21
C ALA A 94 22.72 -6.06 15.90
N ILE A 95 21.66 -5.90 15.11
CA ILE A 95 20.36 -5.49 15.59
C ILE A 95 19.80 -6.46 16.64
N ASN A 96 19.93 -7.77 16.39
CA ASN A 96 19.43 -8.77 17.33
C ASN A 96 20.12 -8.71 18.69
N GLN A 97 21.36 -8.23 18.71
CA GLN A 97 22.12 -8.18 19.95
C GLN A 97 22.06 -6.78 20.59
N ALA A 98 21.71 -5.78 19.79
CA ALA A 98 21.53 -4.43 20.28
C ALA A 98 20.13 -4.19 20.83
N GLY A 99 19.25 -5.18 20.68
CA GLY A 99 17.86 -5.00 21.04
C GLY A 99 17.29 -6.06 21.95
N LYS A 100 18.15 -6.89 22.52
CA LYS A 100 17.68 -7.96 23.40
C LYS A 100 17.00 -7.38 24.65
N GLU A 101 17.42 -6.18 25.04
CA GLU A 101 16.87 -5.53 26.22
C GLU A 101 15.45 -5.05 25.96
N ALA A 102 15.24 -4.40 24.81
CA ALA A 102 13.97 -3.76 24.52
C ALA A 102 12.98 -4.69 23.83
N GLY A 103 13.45 -5.85 23.37
CA GLY A 103 12.59 -6.81 22.72
C GLY A 103 12.47 -6.54 21.24
N VAL A 104 13.54 -6.03 20.65
CA VAL A 104 13.60 -5.82 19.22
C VAL A 104 14.46 -6.90 18.58
N SER A 105 13.88 -7.64 17.64
CA SER A 105 14.60 -8.69 16.96
C SER A 105 14.62 -8.41 15.46
N ALA A 106 15.38 -9.20 14.72
CA ALA A 106 15.52 -8.97 13.29
C ALA A 106 15.75 -10.26 12.52
N THR A 107 15.29 -10.28 11.27
CA THR A 107 15.53 -11.40 10.39
C THR A 107 15.59 -10.91 8.96
N ILE A 108 15.80 -11.83 8.02
CA ILE A 108 15.92 -11.45 6.62
C ILE A 108 14.84 -12.12 5.80
N ILE A 109 14.27 -11.36 4.88
CA ILE A 109 13.24 -11.89 4.00
C ILE A 109 13.67 -11.58 2.57
N THR A 110 13.73 -12.62 1.74
CA THR A 110 14.19 -12.49 0.38
C THR A 110 13.03 -12.62 -0.60
N ASP A 111 12.72 -11.53 -1.28
CA ASP A 111 11.60 -11.51 -2.22
C ASP A 111 12.12 -11.21 -3.64
N ASN A 112 11.24 -10.75 -4.52
CA ASN A 112 11.64 -10.51 -5.91
C ASN A 112 12.42 -9.22 -6.12
N SER A 113 12.50 -8.41 -5.07
CA SER A 113 13.22 -7.15 -5.13
C SER A 113 14.64 -7.29 -4.58
N GLY A 114 14.86 -8.37 -3.85
CA GLY A 114 16.14 -8.62 -3.21
C GLY A 114 15.94 -9.18 -1.82
N SER A 115 16.87 -8.88 -0.92
CA SER A 115 16.76 -9.29 0.46
C SER A 115 16.63 -8.07 1.35
N ARG A 116 15.90 -8.20 2.46
CA ARG A 116 15.70 -7.05 3.34
C ARG A 116 15.62 -7.46 4.79
N LEU A 117 15.86 -6.49 5.67
CA LEU A 117 15.79 -6.70 7.10
C LEU A 117 14.37 -6.50 7.60
N VAL A 118 13.89 -7.41 8.44
CA VAL A 118 12.55 -7.29 9.03
C VAL A 118 12.71 -7.23 10.54
N LEU A 119 12.23 -6.14 11.12
CA LEU A 119 12.41 -5.90 12.55
C LEU A 119 11.07 -6.00 13.25
N SER A 120 11.05 -6.65 14.39
CA SER A 120 9.83 -6.81 15.16
C SER A 120 10.06 -6.33 16.57
N SER A 121 9.03 -5.76 17.18
CA SER A 121 9.11 -5.39 18.58
C SER A 121 8.02 -6.14 19.34
N THR A 122 8.25 -6.38 20.62
CA THR A 122 7.26 -7.09 21.41
C THR A 122 6.47 -6.12 22.28
N LYS A 123 6.73 -4.83 22.07
CA LYS A 123 6.07 -3.80 22.87
C LYS A 123 4.77 -3.36 22.19
N THR A 124 3.65 -3.59 22.88
CA THR A 124 2.35 -3.15 22.38
C THR A 124 2.04 -1.75 22.91
N GLY A 125 1.23 -1.01 22.16
CA GLY A 125 0.77 0.29 22.62
C GLY A 125 0.94 1.41 21.61
N ASP A 126 0.25 2.52 21.85
CA ASP A 126 0.37 3.69 20.98
C ASP A 126 1.78 4.28 21.05
N GLY A 127 2.34 4.61 19.89
CA GLY A 127 3.61 5.30 19.82
C GLY A 127 4.85 4.43 19.90
N LYS A 128 4.67 3.12 20.10
CA LYS A 128 5.81 2.22 20.20
C LYS A 128 6.23 1.67 18.85
N ASP A 129 6.31 2.54 17.85
CA ASP A 129 6.75 2.13 16.53
C ASP A 129 8.27 2.14 16.43
N ILE A 130 8.81 1.23 15.62
CA ILE A 130 10.26 1.16 15.41
C ILE A 130 10.71 2.22 14.41
N LYS A 131 11.73 2.99 14.78
CA LYS A 131 12.27 4.03 13.92
C LYS A 131 13.75 3.77 13.67
N VAL A 132 14.19 4.04 12.43
CA VAL A 132 15.60 3.85 12.09
C VAL A 132 16.17 5.15 11.55
N GLU A 133 17.09 5.74 12.31
CA GLU A 133 17.80 6.93 11.89
C GLU A 133 19.21 6.52 11.49
N VAL A 134 19.71 7.08 10.40
CA VAL A 134 20.96 6.60 9.81
C VAL A 134 21.97 7.71 9.59
N SER A 135 23.17 7.51 10.11
CA SER A 135 24.30 8.38 9.78
C SER A 135 25.19 7.66 8.78
N ASP A 136 25.25 8.19 7.56
CA ASP A 136 25.96 7.53 6.47
C ASP A 136 27.25 8.28 6.14
N ASP A 137 28.38 7.58 6.21
CA ASP A 137 29.68 8.20 5.96
C ASP A 137 29.88 8.58 4.49
N GLY A 138 29.06 8.00 3.61
CA GLY A 138 29.14 8.29 2.19
C GLY A 138 30.22 7.46 1.51
N SER A 139 30.84 6.57 2.28
CA SER A 139 31.88 5.69 1.78
C SER A 139 32.00 4.48 2.68
N GLY A 140 32.39 3.35 2.11
CA GLY A 140 32.56 2.13 2.89
C GLY A 140 32.09 0.89 2.15
N GLY A 141 31.30 1.09 1.10
CA GLY A 141 30.75 -0.02 0.35
C GLY A 141 30.19 0.38 -1.01
N ASN A 142 29.34 -0.48 -1.55
CA ASN A 142 28.78 -0.25 -2.89
C ASN A 142 27.33 0.24 -2.85
N THR A 143 26.69 0.09 -1.70
CA THR A 143 25.33 0.58 -1.52
C THR A 143 25.22 1.49 -0.30
N SER A 144 24.30 2.46 -0.37
CA SER A 144 24.11 3.44 0.69
C SER A 144 23.63 2.83 2.01
N LEU A 145 24.06 3.39 3.13
CA LEU A 145 23.56 2.97 4.44
C LEU A 145 22.27 3.70 4.72
N SER A 146 22.10 4.84 4.06
CA SER A 146 20.95 5.71 4.29
C SER A 146 19.63 5.06 3.85
N GLN A 147 19.71 4.06 2.97
CA GLN A 147 18.49 3.43 2.45
C GLN A 147 17.92 2.45 3.46
N LEU A 148 18.55 2.38 4.63
CA LEU A 148 18.04 1.58 5.73
C LEU A 148 17.25 2.46 6.69
N ALA A 149 17.04 3.71 6.31
CA ALA A 149 16.33 4.63 7.19
C ALA A 149 14.85 4.27 7.18
N PHE A 150 14.19 4.54 8.30
CA PHE A 150 12.78 4.23 8.44
C PHE A 150 12.13 5.23 9.37
N ASP A 151 11.18 5.99 8.83
CA ASP A 151 10.44 6.97 9.63
C ASP A 151 8.97 6.61 9.73
N PRO A 152 8.54 6.17 10.92
CA PRO A 152 7.16 5.75 11.22
C PRO A 152 6.12 6.83 10.91
N ALA A 153 6.53 8.09 10.87
CA ALA A 153 5.60 9.18 10.58
C ALA A 153 5.24 9.26 9.10
N THR A 154 6.14 8.79 8.24
CA THR A 154 5.93 8.89 6.81
C THR A 154 5.76 7.52 6.14
N ALA A 155 6.22 6.47 6.81
CA ALA A 155 6.28 5.15 6.18
C ALA A 155 4.88 4.62 5.91
N PRO A 156 4.68 4.07 4.70
CA PRO A 156 3.39 3.52 4.29
C PRO A 156 3.24 2.11 4.81
N LYS A 157 2.06 1.52 4.69
CA LYS A 157 1.94 0.10 4.96
C LYS A 157 2.68 -0.65 3.87
N LEU A 158 3.42 -1.67 4.26
CA LEU A 158 4.25 -2.43 3.32
C LEU A 158 3.39 -3.04 2.22
N SER A 159 3.83 -2.87 0.99
CA SER A 159 3.24 -3.53 -0.16
C SER A 159 4.37 -4.09 -1.02
N ASP A 160 4.03 -4.83 -2.07
CA ASP A 160 5.04 -5.44 -2.92
C ASP A 160 5.96 -4.37 -3.51
N GLY A 161 7.23 -4.71 -3.67
CA GLY A 161 8.21 -3.74 -4.16
C GLY A 161 9.40 -3.62 -3.22
N ALA A 162 10.44 -2.94 -3.69
CA ALA A 162 11.67 -2.83 -2.92
C ALA A 162 11.54 -1.83 -1.77
N ALA A 163 10.55 -0.93 -1.88
CA ALA A 163 10.36 0.12 -0.89
C ALA A 163 10.02 -0.42 0.49
N ALA A 164 10.36 0.36 1.50
CA ALA A 164 10.12 0.01 2.88
C ALA A 164 8.67 0.26 3.27
N GLY A 165 8.28 -0.26 4.43
CA GLY A 165 6.92 -0.11 4.93
C GLY A 165 6.72 -0.86 6.21
N TYR A 166 5.69 -0.49 6.98
CA TYR A 166 5.43 -1.18 8.22
C TYR A 166 4.56 -2.40 7.95
N VAL A 167 4.70 -3.43 8.77
CA VAL A 167 3.83 -4.60 8.68
C VAL A 167 2.67 -4.41 9.67
N THR A 168 3.01 -4.04 10.89
CA THR A 168 2.01 -3.68 11.88
C THR A 168 2.38 -2.38 12.57
N LYS A 169 1.38 -1.57 12.89
CA LYS A 169 1.60 -0.37 13.69
C LYS A 169 1.40 -0.69 15.14
N ALA A 170 2.28 -0.18 16.00
CA ALA A 170 2.05 -0.31 17.42
C ALA A 170 0.84 0.54 17.77
N ALA A 171 -0.06 -0.02 18.56
CA ALA A 171 -1.30 0.68 18.89
C ALA A 171 -1.97 0.10 20.12
N ASN A 172 -2.82 0.89 20.73
CA ASN A 172 -3.62 0.41 21.84
C ASN A 172 -4.83 -0.32 21.32
N GLY A 173 -5.35 -1.24 22.13
CA GLY A 173 -6.60 -1.89 21.80
C GLY A 173 -7.71 -1.12 22.47
N GLU A 174 -8.93 -1.60 22.33
CA GLU A 174 -10.06 -0.96 22.98
C GLU A 174 -11.06 -2.01 23.43
N ILE A 175 -11.53 -1.87 24.66
CA ILE A 175 -12.61 -2.71 25.16
C ILE A 175 -13.69 -1.81 25.73
N THR A 176 -14.87 -2.38 25.97
CA THR A 176 -15.92 -1.68 26.67
C THR A 176 -16.42 -2.54 27.81
N VAL A 177 -16.65 -1.91 28.97
CA VAL A 177 -17.19 -2.61 30.12
C VAL A 177 -18.47 -1.92 30.54
N ASP A 178 -19.60 -2.58 30.30
CA ASP A 178 -20.93 -2.04 30.57
C ASP A 178 -21.13 -0.69 29.89
N GLY A 179 -20.51 -0.52 28.73
CA GLY A 179 -20.67 0.71 27.96
C GLY A 179 -19.48 1.66 28.04
N LEU A 180 -18.61 1.45 29.02
CA LEU A 180 -17.47 2.35 29.24
C LEU A 180 -16.26 1.91 28.45
N LYS A 181 -15.70 2.84 27.67
CA LYS A 181 -14.55 2.54 26.83
C LYS A 181 -13.24 2.58 27.60
N ARG A 182 -12.38 1.61 27.34
CA ARG A 182 -11.04 1.57 27.91
C ARG A 182 -10.02 1.25 26.84
N SER A 183 -9.15 2.20 26.55
CA SER A 183 -8.05 1.97 25.64
C SER A 183 -6.99 1.17 26.40
N ILE A 184 -6.49 0.09 25.80
CA ILE A 184 -5.54 -0.77 26.51
C ILE A 184 -4.20 -0.84 25.79
N ALA A 185 -3.13 -0.74 26.56
CA ALA A 185 -1.78 -0.67 25.98
C ALA A 185 -1.18 -2.07 25.87
N SER A 186 -1.90 -3.04 26.40
CA SER A 186 -1.49 -4.44 26.37
C SER A 186 -2.73 -5.32 26.40
N ASN A 187 -2.61 -6.55 25.93
CA ASN A 187 -3.76 -7.45 25.91
C ASN A 187 -3.89 -8.20 27.22
N SER A 188 -2.97 -7.93 28.13
CA SER A 188 -3.06 -8.41 29.50
C SER A 188 -3.29 -7.21 30.41
N VAL A 189 -4.53 -7.00 30.82
CA VAL A 189 -4.84 -5.83 31.63
C VAL A 189 -5.37 -6.23 33.00
N SER A 190 -5.20 -5.33 33.96
CA SER A 190 -5.60 -5.59 35.33
C SER A 190 -6.24 -4.34 35.90
N ASP A 191 -7.17 -4.53 36.82
CA ASP A 191 -7.87 -3.44 37.50
C ASP A 191 -8.62 -2.48 36.57
N VAL A 192 -9.02 -2.93 35.38
CA VAL A 192 -10.00 -2.19 34.61
C VAL A 192 -11.29 -2.31 35.39
N ILE A 193 -11.55 -3.54 35.81
CA ILE A 193 -12.45 -3.82 36.90
C ILE A 193 -11.57 -4.16 38.10
N ASP A 194 -11.76 -3.46 39.22
CA ASP A 194 -10.89 -3.62 40.39
C ASP A 194 -10.77 -5.08 40.84
N GLY A 195 -9.54 -5.57 40.95
CA GLY A 195 -9.27 -6.91 41.43
C GLY A 195 -9.38 -7.99 40.36
N VAL A 196 -9.66 -7.57 39.13
CA VAL A 196 -9.84 -8.52 38.04
C VAL A 196 -8.78 -8.32 36.97
N SER A 197 -8.21 -9.44 36.53
CA SER A 197 -7.26 -9.43 35.42
C SER A 197 -7.82 -10.29 34.31
N PHE A 198 -7.72 -9.83 33.07
CA PHE A 198 -8.02 -10.72 31.96
C PHE A 198 -7.14 -10.49 30.75
N ASP A 199 -6.92 -11.57 30.00
CA ASP A 199 -6.14 -11.52 28.78
C ASP A 199 -7.08 -11.46 27.59
N VAL A 200 -7.06 -10.33 26.90
CA VAL A 200 -7.92 -10.16 25.74
C VAL A 200 -7.27 -10.87 24.56
N LYS A 201 -8.00 -11.79 23.94
CA LYS A 201 -7.39 -12.64 22.92
C LYS A 201 -8.00 -12.49 21.53
N ALA A 202 -9.22 -11.96 21.45
CA ALA A 202 -9.87 -11.78 20.17
C ALA A 202 -11.00 -10.77 20.23
N VAL A 203 -11.33 -10.20 19.07
CA VAL A 203 -12.37 -9.20 18.94
C VAL A 203 -13.75 -9.86 19.09
N THR A 204 -14.69 -9.19 19.76
CA THR A 204 -16.05 -9.70 19.81
C THR A 204 -16.83 -9.24 18.58
N GLU A 205 -17.86 -9.99 18.20
CA GLU A 205 -18.62 -9.64 17.02
C GLU A 205 -19.47 -8.42 17.34
N ALA A 206 -19.81 -7.64 16.31
CA ALA A 206 -20.46 -6.35 16.51
C ALA A 206 -21.77 -6.48 17.27
N GLY A 207 -21.81 -5.91 18.48
CA GLY A 207 -23.02 -5.90 19.27
C GLY A 207 -23.28 -7.18 20.02
N LYS A 208 -22.32 -8.09 19.98
CA LYS A 208 -22.48 -9.39 20.64
C LYS A 208 -21.45 -9.51 21.77
N PRO A 209 -21.75 -8.92 22.93
CA PRO A 209 -20.74 -8.82 23.99
C PRO A 209 -20.66 -10.06 24.86
N ILE A 210 -19.52 -10.26 25.49
CA ILE A 210 -19.34 -11.38 26.40
C ILE A 210 -19.90 -11.01 27.77
N THR A 211 -20.58 -11.95 28.40
CA THR A 211 -20.98 -11.77 29.78
C THR A 211 -19.87 -12.30 30.66
N LEU A 212 -19.40 -11.47 31.58
CA LEU A 212 -18.34 -11.87 32.50
C LEU A 212 -18.92 -11.96 33.89
N THR A 213 -18.82 -13.15 34.48
CA THR A 213 -19.43 -13.39 35.76
C THR A 213 -18.35 -13.55 36.81
N VAL A 214 -18.32 -12.63 37.76
CA VAL A 214 -17.37 -12.69 38.86
C VAL A 214 -18.11 -13.17 40.09
N SER A 215 -17.81 -14.39 40.54
CA SER A 215 -18.49 -14.88 41.72
C SER A 215 -17.54 -14.76 42.90
N ARG A 216 -17.94 -13.95 43.88
CA ARG A 216 -17.19 -13.81 45.11
C ARG A 216 -17.58 -14.99 45.98
N ASP A 217 -18.55 -15.73 45.48
CA ASP A 217 -19.14 -16.82 46.24
C ASP A 217 -18.78 -18.16 45.62
N ASP A 218 -17.95 -18.89 46.35
CA ASP A 218 -17.82 -20.31 46.13
C ASP A 218 -18.16 -20.87 47.50
N ALA A 219 -19.08 -21.82 47.56
CA ALA A 219 -19.49 -22.36 48.85
C ALA A 219 -18.53 -23.47 49.19
N GLY A 220 -17.35 -23.39 48.57
CA GLY A 220 -16.32 -24.40 48.68
C GLY A 220 -15.34 -24.00 49.76
N VAL A 221 -15.84 -23.39 50.82
CA VAL A 221 -15.09 -23.34 52.05
C VAL A 221 -15.51 -24.60 52.81
N LYS A 222 -16.32 -25.40 52.12
CA LYS A 222 -16.72 -26.72 52.59
C LYS A 222 -15.53 -27.63 52.32
N ASP A 223 -14.65 -27.11 51.47
CA ASP A 223 -13.33 -27.68 51.20
C ASP A 223 -12.51 -27.47 52.45
N ASN A 224 -12.55 -26.25 52.96
CA ASN A 224 -11.89 -25.93 54.23
C ASN A 224 -12.57 -26.64 55.39
N VAL A 225 -13.79 -27.13 55.16
CA VAL A 225 -14.47 -27.94 56.16
C VAL A 225 -13.81 -29.31 56.20
N LYS A 226 -13.18 -29.69 55.10
CA LYS A 226 -12.45 -30.96 55.02
C LYS A 226 -11.22 -30.94 55.92
N LYS A 227 -10.84 -29.74 56.38
CA LYS A 227 -9.75 -29.62 57.34
C LYS A 227 -10.18 -30.34 58.60
N PHE A 228 -11.12 -29.74 59.32
CA PHE A 228 -11.63 -30.31 60.57
C PHE A 228 -12.37 -31.62 60.32
N VAL A 229 -12.56 -31.97 59.05
CA VAL A 229 -13.04 -33.30 58.71
C VAL A 229 -11.85 -34.24 58.77
N GLU A 230 -10.70 -33.75 58.28
CA GLU A 230 -9.47 -34.50 58.38
C GLU A 230 -8.80 -34.23 59.72
N ALA A 231 -8.51 -32.96 59.98
CA ALA A 231 -7.79 -32.53 61.19
C ALA A 231 -8.33 -33.15 62.47
N TYR A 232 -9.65 -33.19 62.60
CA TYR A 232 -10.27 -33.94 63.69
C TYR A 232 -10.09 -35.46 63.48
N ASN A 233 -10.79 -35.99 62.48
CA ASN A 233 -10.85 -37.43 62.25
C ASN A 233 -9.50 -38.09 61.94
N THR A 234 -8.60 -37.38 61.27
CA THR A 234 -7.28 -37.95 61.03
C THR A 234 -6.49 -38.01 62.34
N LEU A 235 -6.77 -37.06 63.24
CA LEU A 235 -6.14 -37.06 64.55
C LEU A 235 -7.02 -37.73 65.60
N THR A 236 -7.84 -38.67 65.15
CA THR A 236 -8.62 -39.52 66.05
C THR A 236 -8.13 -40.94 65.86
N LYS A 237 -7.59 -41.20 64.68
CA LYS A 237 -7.03 -42.50 64.34
C LYS A 237 -5.63 -42.63 64.93
N PHE A 238 -4.65 -42.04 64.24
CA PHE A 238 -3.25 -42.21 64.57
C PHE A 238 -2.90 -41.58 65.93
N ILE A 239 -3.79 -40.73 66.45
CA ILE A 239 -3.68 -40.21 67.80
C ILE A 239 -4.97 -40.46 68.59
N ASN A 240 -4.82 -40.89 69.84
CA ASN A 240 -5.92 -41.13 70.79
C ASN A 240 -6.69 -42.42 70.54
N GLU A 241 -6.28 -43.20 69.55
CA GLU A 241 -6.84 -44.53 69.34
C GLU A 241 -5.77 -45.51 68.82
N GLN A 242 -4.78 -44.98 68.12
CA GLN A 242 -3.68 -45.79 67.60
C GLN A 242 -2.33 -45.24 68.04
N THR A 243 -2.33 -44.44 69.11
CA THR A 243 -1.08 -43.93 69.69
C THR A 243 -0.26 -45.09 70.23
N VAL A 244 -0.93 -46.05 70.87
CA VAL A 244 -0.28 -47.26 71.35
C VAL A 244 -1.00 -48.47 70.73
N VAL A 245 -0.25 -49.33 70.03
CA VAL A 245 -0.86 -50.43 69.28
C VAL A 245 -0.31 -51.80 69.69
N THR A 246 -1.20 -52.80 69.71
CA THR A 246 -0.82 -54.14 70.13
C THR A 246 -1.09 -55.14 69.03
N LYS A 247 -0.30 -56.20 68.94
CA LYS A 247 -0.80 -57.51 68.54
C LYS A 247 0.31 -58.55 68.70
N VAL A 248 -0.09 -59.79 68.94
CA VAL A 248 0.82 -60.91 69.15
C VAL A 248 1.86 -61.09 68.04
N GLY A 249 2.92 -61.85 68.34
CA GLY A 249 3.97 -62.12 67.37
C GLY A 249 4.57 -63.50 67.54
N ASP B 21 -19.95 -0.82 -29.42
CA ASP B 21 -20.94 -0.37 -28.46
C ASP B 21 -20.32 0.22 -27.19
N ILE B 22 -20.42 -0.51 -26.08
CA ILE B 22 -20.01 -0.02 -24.78
C ILE B 22 -18.63 -0.53 -24.37
N LEU B 23 -18.15 -1.54 -25.09
CA LEU B 23 -16.87 -2.17 -24.77
C LEU B 23 -15.82 -1.85 -25.83
N LYS B 24 -16.28 -1.67 -27.05
CA LYS B 24 -15.41 -1.54 -28.21
C LYS B 24 -16.17 -0.90 -29.36
N ALA B 25 -15.58 0.14 -29.94
CA ALA B 25 -16.17 0.79 -31.10
C ALA B 25 -15.17 0.60 -32.22
N SER B 26 -15.66 0.20 -33.40
CA SER B 26 -14.75 -0.23 -34.44
C SER B 26 -14.95 0.54 -35.73
N ALA B 27 -13.98 0.41 -36.62
CA ALA B 27 -13.99 1.12 -37.89
C ALA B 27 -13.26 0.30 -38.95
N THR B 28 -13.44 0.67 -40.21
CA THR B 28 -12.86 -0.06 -41.31
C THR B 28 -12.24 0.82 -42.38
N GLN B 29 -11.22 0.29 -43.02
CA GLN B 29 -10.64 0.88 -44.21
C GLN B 29 -11.28 0.16 -45.37
N SER B 30 -10.54 -0.77 -45.96
CA SER B 30 -11.12 -1.74 -46.87
C SER B 30 -10.48 -3.10 -46.63
N ALA B 31 -11.28 -4.05 -46.15
CA ALA B 31 -10.78 -5.31 -45.61
C ALA B 31 -11.57 -6.44 -46.24
N VAL B 32 -11.78 -7.52 -45.50
CA VAL B 32 -12.56 -8.63 -46.04
C VAL B 32 -13.64 -9.00 -45.05
N ALA B 33 -14.63 -9.77 -45.50
CA ALA B 33 -15.71 -10.18 -44.62
C ALA B 33 -15.18 -11.21 -43.63
N GLY B 34 -15.87 -11.34 -42.50
CA GLY B 34 -15.46 -12.28 -41.48
C GLY B 34 -16.10 -12.01 -40.13
N THR B 35 -15.98 -12.97 -39.23
CA THR B 35 -16.52 -12.86 -37.89
C THR B 35 -15.44 -13.19 -36.87
N TYR B 36 -15.45 -12.49 -35.74
CA TYR B 36 -14.37 -12.64 -34.77
C TYR B 36 -14.90 -12.63 -33.35
N GLN B 37 -14.41 -13.56 -32.55
CA GLN B 37 -14.74 -13.59 -31.13
C GLN B 37 -13.66 -12.86 -30.36
N ILE B 38 -14.06 -11.84 -29.61
CA ILE B 38 -13.11 -10.96 -28.99
C ILE B 38 -13.29 -10.87 -27.48
N GLN B 39 -12.20 -11.00 -26.76
CA GLN B 39 -12.19 -10.77 -25.32
C GLN B 39 -11.32 -9.56 -25.04
N VAL B 40 -11.68 -8.79 -24.02
CA VAL B 40 -10.81 -7.72 -23.53
C VAL B 40 -10.43 -8.06 -22.10
N ASN B 41 -9.18 -8.42 -21.88
CA ASN B 41 -8.74 -8.84 -20.55
C ASN B 41 -8.23 -7.68 -19.71
N SER B 42 -7.65 -6.67 -20.37
CA SER B 42 -7.18 -5.47 -19.68
C SER B 42 -6.99 -4.30 -20.63
N LEU B 43 -6.92 -3.10 -20.07
CA LEU B 43 -6.69 -1.88 -20.84
C LEU B 43 -5.25 -1.40 -20.71
N ALA B 44 -4.79 -0.66 -21.71
CA ALA B 44 -3.48 -0.01 -21.62
C ALA B 44 -3.62 1.17 -20.67
N THR B 45 -2.64 1.35 -19.79
CA THR B 45 -2.69 2.42 -18.79
C THR B 45 -1.51 3.37 -18.91
N SER B 46 -1.69 4.57 -18.37
CA SER B 46 -0.62 5.56 -18.36
C SER B 46 -0.11 5.72 -16.94
N SER B 47 0.95 6.50 -16.77
CA SER B 47 1.55 6.64 -15.45
C SER B 47 0.95 7.82 -14.68
N LYS B 48 0.78 7.63 -13.38
CA LYS B 48 0.32 8.68 -12.49
C LYS B 48 0.90 8.43 -11.11
N ILE B 49 1.71 9.37 -10.64
CA ILE B 49 2.42 9.18 -9.38
C ILE B 49 2.14 10.31 -8.41
N ALA B 50 2.49 10.09 -7.15
CA ALA B 50 2.35 11.10 -6.12
C ALA B 50 3.66 11.17 -5.33
N LEU B 51 4.24 12.37 -5.25
CA LEU B 51 5.52 12.53 -4.56
C LEU B 51 5.29 12.67 -3.06
N GLN B 52 6.38 12.83 -2.31
CA GLN B 52 6.28 12.96 -0.86
C GLN B 52 5.43 14.16 -0.47
N ALA B 53 4.70 14.03 0.64
CA ALA B 53 3.90 15.13 1.14
C ALA B 53 4.81 16.10 1.89
N ILE B 54 4.60 17.38 1.68
CA ILE B 54 5.43 18.39 2.32
C ILE B 54 4.71 18.97 3.53
N ALA B 55 5.30 18.78 4.71
CA ALA B 55 4.72 19.32 5.94
C ALA B 55 4.80 20.83 5.96
N ASP B 56 3.73 21.46 6.43
CA ASP B 56 3.59 22.92 6.44
C ASP B 56 3.91 23.51 5.07
N PRO B 57 3.08 23.18 4.06
CA PRO B 57 3.33 23.61 2.68
C PRO B 57 3.16 25.12 2.51
N ALA B 58 2.54 25.76 3.49
CA ALA B 58 2.21 27.19 3.38
C ALA B 58 3.44 28.07 3.64
N ASN B 59 4.46 27.48 4.26
CA ASN B 59 5.69 28.21 4.53
C ASN B 59 6.91 27.46 4.01
N ALA B 60 6.67 26.42 3.22
CA ALA B 60 7.76 25.58 2.74
C ALA B 60 8.39 26.12 1.46
N LYS B 61 9.71 26.20 1.45
CA LYS B 61 10.46 26.64 0.29
C LYS B 61 11.58 25.65 0.03
N PHE B 62 11.74 25.25 -1.22
CA PHE B 62 12.69 24.19 -1.55
C PHE B 62 14.14 24.67 -1.68
N ASN B 63 15.06 23.81 -1.29
CA ASN B 63 16.49 24.00 -1.54
C ASN B 63 16.77 24.20 -3.03
N SER B 64 17.94 24.76 -3.34
CA SER B 64 18.34 24.96 -4.73
C SER B 64 18.73 23.61 -5.35
N GLY B 65 18.60 23.51 -6.67
CA GLY B 65 18.99 22.29 -7.36
C GLY B 65 18.38 22.14 -8.74
N THR B 66 18.24 20.89 -9.19
CA THR B 66 17.70 20.60 -10.52
C THR B 66 16.75 19.40 -10.55
N LEU B 67 15.67 19.52 -11.31
CA LEU B 67 14.73 18.42 -11.50
C LEU B 67 14.81 17.86 -12.92
N ASN B 68 15.14 16.58 -13.06
CA ASN B 68 15.11 15.93 -14.36
C ASN B 68 14.01 14.89 -14.40
N ILE B 69 12.97 15.19 -15.17
CA ILE B 69 11.79 14.34 -15.22
C ILE B 69 11.74 13.63 -16.56
N SER B 70 11.52 12.32 -16.54
CA SER B 70 11.42 11.57 -17.77
C SER B 70 10.29 10.55 -17.70
N VAL B 71 9.79 10.15 -18.86
CA VAL B 71 8.81 9.08 -18.95
C VAL B 71 9.28 8.10 -20.02
N GLY B 72 9.99 7.06 -19.60
CA GLY B 72 10.54 6.09 -20.53
C GLY B 72 11.68 6.68 -21.36
N ASP B 73 11.55 6.53 -22.67
CA ASP B 73 12.41 7.18 -23.65
C ASP B 73 12.50 8.68 -23.39
N THR B 74 11.36 9.35 -23.46
CA THR B 74 11.31 10.81 -23.47
C THR B 74 11.88 11.45 -22.21
N LYS B 75 12.70 12.48 -22.40
CA LYS B 75 13.21 13.25 -21.27
C LYS B 75 12.60 14.65 -21.33
N LEU B 76 12.31 15.22 -20.18
CA LEU B 76 11.84 16.60 -20.12
C LEU B 76 13.02 17.54 -19.99
N PRO B 77 12.85 18.81 -20.38
CA PRO B 77 13.87 19.84 -20.13
C PRO B 77 14.28 19.83 -18.66
N ALA B 78 15.57 19.96 -18.39
CA ALA B 78 16.05 20.03 -17.01
C ALA B 78 15.45 21.26 -16.35
N ILE B 79 14.85 21.06 -15.17
CA ILE B 79 14.23 22.16 -14.45
C ILE B 79 15.17 22.68 -13.36
N THR B 80 15.53 23.95 -13.46
CA THR B 80 16.36 24.58 -12.45
C THR B 80 15.48 25.21 -11.38
N VAL B 81 15.72 24.81 -10.14
CA VAL B 81 14.94 25.33 -9.03
C VAL B 81 15.72 26.49 -8.44
N ASP B 82 15.11 27.67 -8.45
CA ASP B 82 15.74 28.87 -7.90
C ASP B 82 14.77 29.59 -6.97
N SER B 83 15.04 30.85 -6.68
CA SER B 83 14.20 31.58 -5.74
C SER B 83 12.97 32.18 -6.41
N SER B 84 12.77 31.89 -7.68
CA SER B 84 11.57 32.33 -8.38
C SER B 84 10.51 31.22 -8.45
N ASN B 85 10.88 30.00 -8.06
CA ASN B 85 9.97 28.86 -8.23
C ASN B 85 10.11 27.77 -7.18
N ASN B 86 10.86 28.01 -6.13
CA ASN B 86 11.11 26.96 -5.14
C ASN B 86 9.96 26.79 -4.15
N THR B 87 8.74 26.79 -4.67
CA THR B 87 7.57 26.39 -3.89
C THR B 87 6.85 25.26 -4.61
N LEU B 88 5.88 24.65 -3.94
CA LEU B 88 5.10 23.56 -4.54
C LEU B 88 4.37 24.05 -5.79
N ALA B 89 3.71 25.18 -5.67
CA ALA B 89 2.98 25.79 -6.77
C ALA B 89 3.94 26.26 -7.86
N GLY B 90 5.17 26.55 -7.43
CA GLY B 90 6.23 26.98 -8.34
C GLY B 90 6.69 25.79 -9.18
N MET B 91 6.77 24.63 -8.56
CA MET B 91 7.14 23.42 -9.29
C MET B 91 6.00 22.97 -10.20
N ARG B 92 4.76 23.12 -9.71
CA ARG B 92 3.57 22.81 -10.50
C ARG B 92 3.55 23.58 -11.82
N ASP B 93 3.79 24.88 -11.75
CA ASP B 93 3.76 25.74 -12.92
C ASP B 93 4.87 25.36 -13.91
N ALA B 94 6.04 25.01 -13.37
CA ALA B 94 7.18 24.68 -14.20
C ALA B 94 6.93 23.40 -14.97
N ILE B 95 6.57 22.36 -14.22
CA ILE B 95 6.32 21.03 -14.78
C ILE B 95 5.21 21.08 -15.82
N ASN B 96 4.17 21.86 -15.55
CA ASN B 96 3.04 21.99 -16.48
C ASN B 96 3.50 22.53 -17.82
N GLN B 97 4.53 23.37 -17.80
CA GLN B 97 5.08 23.95 -19.03
C GLN B 97 6.39 23.29 -19.44
N ALA B 98 6.99 22.54 -18.52
CA ALA B 98 8.18 21.75 -18.85
C ALA B 98 7.76 20.40 -19.44
N GLY B 99 6.45 20.15 -19.44
CA GLY B 99 5.94 18.85 -19.85
C GLY B 99 4.82 18.86 -20.86
N LYS B 100 4.57 20.01 -21.50
CA LYS B 100 3.48 20.11 -22.48
C LYS B 100 3.73 19.18 -23.66
N GLU B 101 5.00 18.90 -23.90
CA GLU B 101 5.45 18.13 -25.04
C GLU B 101 5.10 16.64 -24.92
N ALA B 102 5.44 16.07 -23.78
CA ALA B 102 5.33 14.64 -23.56
C ALA B 102 3.98 14.24 -22.97
N GLY B 103 3.22 15.24 -22.53
CA GLY B 103 1.91 14.98 -21.95
C GLY B 103 2.05 14.74 -20.46
N VAL B 104 2.99 15.45 -19.85
CA VAL B 104 3.16 15.38 -18.41
C VAL B 104 2.54 16.62 -17.79
N SER B 105 1.58 16.41 -16.90
CA SER B 105 0.93 17.50 -16.21
C SER B 105 1.14 17.32 -14.72
N ALA B 106 0.77 18.32 -13.94
CA ALA B 106 1.01 18.29 -12.51
C ALA B 106 -0.03 19.07 -11.73
N THR B 107 -0.27 18.65 -10.49
CA THR B 107 -1.17 19.37 -9.60
C THR B 107 -0.72 19.17 -8.16
N ILE B 108 -1.45 19.76 -7.23
CA ILE B 108 -1.13 19.66 -5.82
C ILE B 108 -2.31 19.02 -5.11
N ILE B 109 -2.04 18.11 -4.18
CA ILE B 109 -3.09 17.47 -3.42
C ILE B 109 -2.80 17.65 -1.93
N THR B 110 -3.79 18.15 -1.21
CA THR B 110 -3.63 18.47 0.20
C THR B 110 -4.36 17.43 1.06
N ASP B 111 -3.60 16.62 1.77
CA ASP B 111 -4.17 15.59 2.63
C ASP B 111 -3.78 15.85 4.08
N ASN B 112 -3.88 14.82 4.92
CA ASN B 112 -3.57 15.00 6.34
C ASN B 112 -2.07 15.02 6.58
N SER B 113 -1.30 14.73 5.55
CA SER B 113 0.16 14.71 5.65
C SER B 113 0.75 16.04 5.20
N GLY B 114 -0.04 16.80 4.45
CA GLY B 114 0.42 18.06 3.90
C GLY B 114 -0.02 18.23 2.46
N SER B 115 0.80 18.91 1.67
CA SER B 115 0.55 19.06 0.24
C SER B 115 1.67 18.35 -0.52
N ARG B 116 1.35 17.81 -1.69
CA ARG B 116 2.34 17.07 -2.48
C ARG B 116 2.11 17.28 -3.96
N LEU B 117 3.14 17.01 -4.76
CA LEU B 117 3.00 17.13 -6.20
C LEU B 117 2.45 15.84 -6.77
N VAL B 118 1.46 15.96 -7.66
CA VAL B 118 0.87 14.79 -8.31
C VAL B 118 1.06 14.94 -9.81
N LEU B 119 1.78 14.00 -10.40
CA LEU B 119 2.15 14.10 -11.80
C LEU B 119 1.49 13.02 -12.65
N SER B 120 1.01 13.40 -13.83
CA SER B 120 0.33 12.47 -14.72
C SER B 120 0.94 12.47 -16.11
N SER B 121 0.91 11.30 -16.76
CA SER B 121 1.37 11.19 -18.14
C SER B 121 0.22 10.69 -19.02
N THR B 122 0.26 11.02 -20.31
CA THR B 122 -0.80 10.58 -21.22
C THR B 122 -0.34 9.45 -22.12
N LYS B 123 0.89 8.97 -21.92
CA LYS B 123 1.42 7.92 -22.77
C LYS B 123 1.08 6.56 -22.16
N THR B 124 0.32 5.77 -22.89
CA THR B 124 -0.03 4.43 -22.43
C THR B 124 1.01 3.43 -22.90
N GLY B 125 1.17 2.34 -22.14
CA GLY B 125 2.06 1.27 -22.53
C GLY B 125 3.01 0.83 -21.43
N ASP B 126 3.64 -0.33 -21.61
CA ASP B 126 4.64 -0.82 -20.66
C ASP B 126 5.87 0.07 -20.63
N GLY B 127 6.34 0.41 -19.44
CA GLY B 127 7.59 1.13 -19.27
C GLY B 127 7.52 2.64 -19.39
N LYS B 128 6.34 3.17 -19.69
CA LYS B 128 6.19 4.61 -19.83
C LYS B 128 5.86 5.21 -18.46
N ASP B 129 6.63 4.84 -17.45
CA ASP B 129 6.44 5.35 -16.11
C ASP B 129 7.10 6.71 -15.96
N ILE B 130 6.53 7.56 -15.11
CA ILE B 130 7.12 8.87 -14.84
C ILE B 130 8.24 8.74 -13.82
N LYS B 131 9.41 9.30 -14.14
CA LYS B 131 10.56 9.24 -13.24
C LYS B 131 11.05 10.64 -12.89
N VAL B 132 11.43 10.83 -11.63
CA VAL B 132 11.94 12.11 -11.15
C VAL B 132 13.31 11.94 -10.50
N GLU B 133 14.32 12.56 -11.11
CA GLU B 133 15.68 12.55 -10.57
C GLU B 133 16.02 13.93 -9.97
N VAL B 134 16.65 13.94 -8.80
CA VAL B 134 16.89 15.20 -8.09
C VAL B 134 18.35 15.39 -7.68
N SER B 135 18.95 16.50 -8.11
CA SER B 135 20.23 16.94 -7.59
C SER B 135 20.01 18.11 -6.65
N ASP B 136 20.31 17.90 -5.37
CA ASP B 136 20.01 18.89 -4.34
C ASP B 136 21.24 19.65 -3.85
N ASP B 137 21.22 20.96 -3.95
CA ASP B 137 22.35 21.78 -3.52
C ASP B 137 22.50 21.76 -2.00
N GLY B 138 21.43 21.33 -1.32
CA GLY B 138 21.45 21.20 0.13
C GLY B 138 21.19 22.50 0.85
N SER B 139 20.91 23.54 0.09
CA SER B 139 20.66 24.86 0.66
C SER B 139 19.84 25.71 -0.32
N GLY B 140 19.03 26.60 0.23
CA GLY B 140 18.20 27.48 -0.57
C GLY B 140 16.84 27.70 0.06
N GLY B 141 16.48 26.81 0.99
CA GLY B 141 15.19 26.87 1.64
C GLY B 141 15.13 26.03 2.91
N ASN B 142 13.92 25.71 3.33
CA ASN B 142 13.70 24.99 4.58
C ASN B 142 13.39 23.50 4.42
N THR B 143 13.10 23.08 3.18
CA THR B 143 12.84 21.67 2.92
C THR B 143 13.78 21.11 1.87
N SER B 144 14.10 19.83 2.00
CA SER B 144 15.01 19.18 1.08
C SER B 144 14.39 19.09 -0.31
N LEU B 145 15.21 19.23 -1.35
CA LEU B 145 14.72 19.08 -2.71
C LEU B 145 14.73 17.60 -3.07
N SER B 146 15.56 16.85 -2.37
CA SER B 146 15.77 15.43 -2.65
C SER B 146 14.53 14.56 -2.40
N GLN B 147 13.61 15.03 -1.57
CA GLN B 147 12.44 14.22 -1.22
C GLN B 147 11.38 14.26 -2.32
N LEU B 148 11.71 14.92 -3.43
CA LEU B 148 10.81 14.92 -4.59
C LEU B 148 11.25 13.87 -5.61
N ALA B 149 12.24 13.07 -5.24
CA ALA B 149 12.74 12.05 -6.14
C ALA B 149 11.74 10.89 -6.21
N PHE B 150 11.69 10.24 -7.37
CA PHE B 150 10.77 9.13 -7.57
C PHE B 150 11.37 8.12 -8.54
N ASP B 151 11.59 6.91 -8.06
CA ASP B 151 12.13 5.85 -8.91
C ASP B 151 11.07 4.75 -9.02
N PRO B 152 10.44 4.64 -10.20
CA PRO B 152 9.38 3.68 -10.53
C PRO B 152 9.77 2.23 -10.29
N ALA B 153 11.07 1.95 -10.26
CA ALA B 153 11.57 0.61 -10.03
C ALA B 153 11.41 0.21 -8.56
N THR B 154 11.38 1.20 -7.67
CA THR B 154 11.31 0.94 -6.25
C THR B 154 10.00 1.42 -5.61
N ALA B 155 9.31 2.33 -6.27
CA ALA B 155 8.13 2.97 -5.69
C ALA B 155 6.96 2.01 -5.53
N PRO B 156 6.30 2.05 -4.36
CA PRO B 156 5.14 1.19 -4.09
C PRO B 156 3.87 1.80 -4.66
N LYS B 157 2.76 1.07 -4.66
CA LYS B 157 1.49 1.69 -4.99
C LYS B 157 1.13 2.64 -3.86
N LEU B 158 0.64 3.83 -4.21
CA LEU B 158 0.37 4.86 -3.23
C LEU B 158 -0.62 4.40 -2.18
N SER B 159 -0.28 4.64 -0.92
CA SER B 159 -1.21 4.43 0.19
C SER B 159 -1.17 5.67 1.07
N ASP B 160 -2.07 5.73 2.04
CA ASP B 160 -2.15 6.91 2.91
C ASP B 160 -0.84 7.13 3.68
N GLY B 161 -0.49 8.39 3.90
CA GLY B 161 0.77 8.72 4.54
C GLY B 161 1.56 9.68 3.68
N ALA B 162 2.63 10.24 4.25
CA ALA B 162 3.43 11.24 3.55
C ALA B 162 4.30 10.63 2.46
N ALA B 163 4.52 9.32 2.55
CA ALA B 163 5.39 8.64 1.60
C ALA B 163 4.86 8.71 0.18
N ALA B 164 5.78 8.64 -0.78
CA ALA B 164 5.43 8.69 -2.19
C ALA B 164 4.97 7.33 -2.66
N GLY B 165 4.36 7.31 -3.85
CA GLY B 165 3.86 6.07 -4.42
C GLY B 165 3.12 6.33 -5.72
N TYR B 166 3.00 5.30 -6.57
CA TYR B 166 2.29 5.48 -7.83
C TYR B 166 0.79 5.29 -7.62
N VAL B 167 0.00 5.97 -8.45
CA VAL B 167 -1.44 5.81 -8.43
C VAL B 167 -1.86 4.80 -9.49
N THR B 168 -1.30 4.94 -10.69
CA THR B 168 -1.49 3.97 -11.75
C THR B 168 -0.15 3.60 -12.37
N LYS B 169 0.00 2.33 -12.74
CA LYS B 169 1.20 1.91 -13.45
C LYS B 169 0.97 2.00 -14.94
N ALA B 170 1.93 2.55 -15.67
CA ALA B 170 1.85 2.52 -17.13
C ALA B 170 2.04 1.07 -17.56
N ALA B 171 1.19 0.60 -18.47
CA ALA B 171 1.23 -0.80 -18.86
C ALA B 171 0.49 -1.03 -20.17
N ASN B 172 0.81 -2.15 -20.83
CA ASN B 172 0.07 -2.52 -22.02
C ASN B 172 -1.22 -3.20 -21.63
N GLY B 173 -2.21 -3.14 -22.51
CA GLY B 173 -3.44 -3.87 -22.31
C GLY B 173 -3.35 -5.21 -22.99
N GLU B 174 -4.41 -6.00 -22.95
CA GLU B 174 -4.43 -7.29 -23.61
C GLU B 174 -5.80 -7.61 -24.16
N ILE B 175 -5.84 -8.08 -25.39
CA ILE B 175 -7.06 -8.60 -25.98
C ILE B 175 -6.77 -9.98 -26.56
N THR B 176 -7.83 -10.71 -26.88
CA THR B 176 -7.70 -11.96 -27.59
C THR B 176 -8.65 -11.96 -28.78
N VAL B 177 -8.18 -12.41 -29.92
CA VAL B 177 -9.01 -12.51 -31.10
C VAL B 177 -9.03 -13.96 -31.57
N ASP B 178 -10.17 -14.61 -31.40
CA ASP B 178 -10.34 -16.02 -31.70
C ASP B 178 -9.32 -16.89 -30.97
N GLY B 179 -8.94 -16.45 -29.78
CA GLY B 179 -8.01 -17.21 -28.95
C GLY B 179 -6.59 -16.66 -28.94
N LEU B 180 -6.27 -15.82 -29.93
CA LEU B 180 -4.92 -15.29 -30.06
C LEU B 180 -4.75 -14.00 -29.28
N LYS B 181 -3.76 -13.97 -28.41
CA LYS B 181 -3.49 -12.81 -27.55
C LYS B 181 -2.69 -11.73 -28.25
N ARG B 182 -3.08 -10.49 -28.02
CA ARG B 182 -2.36 -9.32 -28.51
C ARG B 182 -2.18 -8.30 -27.38
N SER B 183 -0.94 -8.07 -27.00
CA SER B 183 -0.63 -7.03 -26.04
C SER B 183 -0.73 -5.67 -26.74
N ILE B 184 -1.46 -4.74 -26.16
CA ILE B 184 -1.68 -3.46 -26.82
C ILE B 184 -1.13 -2.31 -25.99
N ALA B 185 -0.42 -1.39 -26.64
CA ALA B 185 0.26 -0.31 -25.93
C ALA B 185 -0.63 0.92 -25.81
N SER B 186 -1.80 0.82 -26.42
CA SER B 186 -2.79 1.89 -26.39
C SER B 186 -4.17 1.27 -26.55
N ASN B 187 -5.20 1.96 -26.09
CA ASN B 187 -6.55 1.42 -26.17
C ASN B 187 -7.18 1.77 -27.52
N SER B 188 -6.40 2.45 -28.35
CA SER B 188 -6.76 2.67 -29.74
C SER B 188 -5.77 1.90 -30.62
N VAL B 189 -6.18 0.73 -31.10
CA VAL B 189 -5.27 -0.11 -31.86
C VAL B 189 -5.76 -0.33 -33.29
N SER B 190 -4.84 -0.61 -34.19
CA SER B 190 -5.16 -0.78 -35.59
C SER B 190 -4.40 -1.93 -36.23
N ASP B 191 -5.03 -2.55 -37.23
CA ASP B 191 -4.44 -3.63 -38.01
C ASP B 191 -4.01 -4.84 -37.17
N VAL B 192 -4.63 -5.04 -36.01
CA VAL B 192 -4.51 -6.31 -35.30
C VAL B 192 -5.25 -7.33 -36.17
N ILE B 193 -6.43 -6.91 -36.63
CA ILE B 193 -7.07 -7.51 -37.79
C ILE B 193 -6.86 -6.54 -38.94
N ASP B 194 -6.33 -7.02 -40.06
CA ASP B 194 -5.97 -6.17 -41.19
C ASP B 194 -7.12 -5.28 -41.67
N GLY B 195 -6.88 -3.97 -41.70
CA GLY B 195 -7.85 -3.03 -42.21
C GLY B 195 -8.90 -2.60 -41.19
N VAL B 196 -8.78 -3.13 -39.97
CA VAL B 196 -9.77 -2.83 -38.95
C VAL B 196 -9.13 -2.08 -37.79
N SER B 197 -9.77 -1.01 -37.37
CA SER B 197 -9.36 -0.26 -36.21
C SER B 197 -10.49 -0.27 -35.20
N PHE B 198 -10.18 -0.48 -33.93
CA PHE B 198 -11.21 -0.27 -32.92
C PHE B 198 -10.62 0.32 -31.65
N ASP B 199 -11.44 1.11 -30.98
CA ASP B 199 -11.05 1.74 -29.74
C ASP B 199 -11.64 0.92 -28.60
N VAL B 200 -10.78 0.23 -27.85
CA VAL B 200 -11.26 -0.61 -26.77
C VAL B 200 -11.59 0.27 -25.58
N LYS B 201 -12.79 0.11 -25.06
CA LYS B 201 -13.31 1.01 -24.04
C LYS B 201 -13.55 0.31 -22.70
N ALA B 202 -13.70 -1.01 -22.75
CA ALA B 202 -13.96 -1.76 -21.53
C ALA B 202 -13.68 -3.25 -21.64
N VAL B 203 -13.47 -3.87 -20.48
CA VAL B 203 -13.18 -5.28 -20.33
C VAL B 203 -14.43 -6.14 -20.60
N THR B 204 -14.26 -7.28 -21.27
CA THR B 204 -15.36 -8.22 -21.42
C THR B 204 -15.44 -9.11 -20.18
N GLU B 205 -16.63 -9.60 -19.86
CA GLU B 205 -16.79 -10.43 -18.66
C GLU B 205 -16.17 -11.79 -18.90
N ALA B 206 -15.72 -12.44 -17.83
CA ALA B 206 -14.98 -13.69 -17.96
C ALA B 206 -15.85 -14.73 -18.65
N GLY B 207 -15.45 -15.13 -19.86
CA GLY B 207 -16.16 -16.14 -20.61
C GLY B 207 -17.31 -15.62 -21.46
N LYS B 208 -17.49 -14.29 -21.48
CA LYS B 208 -18.53 -13.67 -22.30
C LYS B 208 -17.92 -12.80 -23.40
N PRO B 209 -17.54 -13.42 -24.53
CA PRO B 209 -16.80 -12.69 -25.55
C PRO B 209 -17.73 -11.94 -26.51
N ILE B 210 -17.22 -10.88 -27.11
CA ILE B 210 -17.99 -10.11 -28.08
C ILE B 210 -17.85 -10.70 -29.48
N THR B 211 -18.95 -10.75 -30.23
CA THR B 211 -18.89 -11.12 -31.64
C THR B 211 -18.72 -9.87 -32.48
N LEU B 212 -17.67 -9.84 -33.30
CA LEU B 212 -17.44 -8.69 -34.17
C LEU B 212 -17.59 -9.08 -35.64
N THR B 213 -18.51 -8.42 -36.33
CA THR B 213 -18.83 -8.77 -37.71
C THR B 213 -18.43 -7.68 -38.69
N VAL B 214 -17.55 -8.03 -39.63
CA VAL B 214 -17.12 -7.09 -40.66
C VAL B 214 -17.89 -7.38 -41.95
N SER B 215 -18.78 -6.45 -42.30
CA SER B 215 -19.63 -6.57 -43.48
C SER B 215 -19.17 -5.68 -44.63
N ARG B 216 -18.89 -6.27 -45.78
CA ARG B 216 -18.49 -5.50 -46.95
C ARG B 216 -19.70 -4.87 -47.64
N ASP B 217 -20.35 -5.62 -48.52
CA ASP B 217 -21.41 -5.05 -49.35
C ASP B 217 -22.80 -5.52 -48.95
N ASP B 218 -23.58 -4.59 -48.43
CA ASP B 218 -25.03 -4.75 -48.29
C ASP B 218 -25.69 -3.61 -49.05
N ALA B 219 -26.69 -3.95 -49.86
CA ALA B 219 -27.34 -3.00 -50.77
C ALA B 219 -26.30 -2.51 -51.75
N GLY B 220 -25.27 -3.34 -51.95
CA GLY B 220 -24.13 -2.99 -52.78
C GLY B 220 -24.22 -3.50 -54.19
N VAL B 221 -24.01 -2.62 -55.16
CA VAL B 221 -23.76 -1.20 -54.92
C VAL B 221 -25.05 -0.38 -54.97
N LYS B 222 -26.20 -1.06 -54.87
CA LYS B 222 -27.50 -0.45 -55.14
C LYS B 222 -28.02 0.65 -54.20
N ASP B 223 -27.42 0.84 -53.04
CA ASP B 223 -27.83 1.97 -52.21
C ASP B 223 -27.40 3.31 -52.81
N ASN B 224 -26.10 3.45 -53.08
CA ASN B 224 -25.57 4.63 -53.75
C ASN B 224 -25.92 4.67 -55.24
N VAL B 225 -26.33 3.53 -55.78
CA VAL B 225 -26.73 3.45 -57.18
C VAL B 225 -28.03 4.19 -57.44
N LYS B 226 -28.84 4.35 -56.40
CA LYS B 226 -30.11 5.07 -56.52
C LYS B 226 -29.89 6.55 -56.84
N LYS B 227 -28.65 7.01 -56.64
CA LYS B 227 -28.25 8.37 -56.98
C LYS B 227 -28.28 8.57 -58.49
N PHE B 228 -27.38 7.89 -59.18
CA PHE B 228 -27.22 8.02 -60.63
C PHE B 228 -28.45 7.54 -61.42
N VAL B 229 -29.46 7.02 -60.72
CA VAL B 229 -30.76 6.78 -61.34
C VAL B 229 -31.50 8.10 -61.38
N GLU B 230 -31.31 8.89 -60.34
CA GLU B 230 -31.92 10.22 -60.22
C GLU B 230 -31.11 11.27 -60.97
N ALA B 231 -29.82 11.38 -60.64
CA ALA B 231 -28.91 12.35 -61.27
C ALA B 231 -29.10 12.29 -62.79
N TYR B 232 -29.29 11.07 -63.28
CA TYR B 232 -29.73 10.82 -64.65
C TYR B 232 -31.14 11.38 -64.88
N ASN B 233 -32.11 10.84 -64.13
CA ASN B 233 -33.51 11.20 -64.30
C ASN B 233 -33.77 12.67 -64.01
N THR B 234 -32.99 13.24 -63.11
CA THR B 234 -33.09 14.67 -62.78
C THR B 234 -32.64 15.53 -63.96
N LEU B 235 -31.76 14.98 -64.78
CA LEU B 235 -31.29 15.70 -65.97
C LEU B 235 -32.16 15.33 -67.17
N THR B 236 -33.47 15.29 -66.92
CA THR B 236 -34.46 15.12 -67.98
C THR B 236 -35.35 16.36 -68.03
N LYS B 237 -35.71 16.86 -66.85
CA LYS B 237 -36.56 18.04 -66.73
C LYS B 237 -35.78 19.35 -66.89
N PHE B 238 -35.05 19.74 -65.85
CA PHE B 238 -34.40 21.05 -65.81
C PHE B 238 -33.34 21.20 -66.89
N ILE B 239 -32.96 20.07 -67.49
CA ILE B 239 -32.14 20.05 -68.69
C ILE B 239 -32.85 19.20 -69.74
N ASN B 240 -33.07 19.79 -70.91
CA ASN B 240 -33.69 19.16 -72.09
C ASN B 240 -35.23 19.09 -71.99
N GLU B 241 -35.79 19.75 -70.98
CA GLU B 241 -37.24 19.93 -70.90
C GLU B 241 -37.55 21.29 -70.28
N GLN B 242 -36.58 21.84 -69.57
CA GLN B 242 -36.69 23.17 -68.99
C GLN B 242 -35.50 24.01 -69.43
N THR B 243 -34.84 23.58 -70.51
CA THR B 243 -33.74 24.34 -71.09
C THR B 243 -34.28 25.66 -71.62
N VAL B 244 -35.43 25.57 -72.30
CA VAL B 244 -36.14 26.75 -72.79
C VAL B 244 -37.54 26.71 -72.21
N VAL B 245 -37.95 27.79 -71.54
CA VAL B 245 -39.21 27.82 -70.82
C VAL B 245 -40.08 28.96 -71.35
N THR B 246 -41.38 28.73 -71.36
CA THR B 246 -42.33 29.64 -71.96
C THR B 246 -43.26 30.20 -70.88
N LYS B 247 -43.82 31.37 -71.13
CA LYS B 247 -44.82 31.93 -70.23
C LYS B 247 -45.61 33.06 -70.88
N VAL B 248 -46.86 33.20 -70.45
CA VAL B 248 -47.77 34.19 -71.03
C VAL B 248 -48.17 35.24 -69.99
N GLY B 249 -48.65 36.38 -70.45
CA GLY B 249 -49.05 37.45 -69.57
C GLY B 249 -50.21 38.29 -70.08
#